data_3FI8
#
_entry.id   3FI8
#
_cell.length_a   58.380
_cell.length_b   64.556
_cell.length_c   91.557
_cell.angle_alpha   90.000
_cell.angle_beta   90.000
_cell.angle_gamma   90.000
#
_symmetry.space_group_name_H-M   'P 21 21 21'
#
loop_
_entity.id
_entity.type
_entity.pdbx_description
1 polymer 'Choline kinase'
2 non-polymer "ADENOSINE-5'-DIPHOSPHATE"
3 non-polymer 'MAGNESIUM ION'
4 non-polymer 'PHOSPHORIC ACID MONO-(2-AMINO-ETHYL) ESTER'
5 water water
#
_entity_poly.entity_id   1
_entity_poly.type   'polypeptide(L)'
_entity_poly.pdbx_seq_one_letter_code
;SKLTDPLYIKKICLEKVHDWSRCNEDDVCVNQILSGLTNQLFEVSIKEDTAIEYRITRRHVLFRIYGKDVDALYNPLSEF
EVYKTMSKYRIAPLLLNTFDGGRIEEWLYGDPLSIDDLKNKSILVGIANVLGKFHTLSRKRHLPEHWDKTPCVFKMMDRW
RLAVSNYKNLDKVTLDINKYIQESHKFLKFIKIYTQIENIANDIVFCHNDLQENNIMNTNKCLRLIDFEYSGYNFLSADI
ANFFIETTIDYSYNAYPFFIINKKNYISYESRILFVTTYLSKYLDDSTAASDQDIIDQFLEAIEVQALGLHLIWAFWSII
RGYQTKSYNEFDFFLYAKERLKMYDEQKQYLMSKNIIKDYDD
;
_entity_poly.pdbx_strand_id   A
#
loop_
_chem_comp.id
_chem_comp.type
_chem_comp.name
_chem_comp.formula
ADP non-polymer ADENOSINE-5'-DIPHOSPHATE 'C10 H15 N5 O10 P2'
MG non-polymer 'MAGNESIUM ION' 'Mg 2'
OPE non-polymer 'PHOSPHORIC ACID MONO-(2-AMINO-ETHYL) ESTER' 'C2 H8 N O4 P'
#
# COMPACT_ATOMS: atom_id res chain seq x y z
N SER A 1 25.56 4.17 14.59
CA SER A 1 24.16 3.73 14.35
C SER A 1 24.07 2.22 14.26
N LYS A 2 24.62 1.65 13.18
CA LYS A 2 24.50 0.20 12.92
C LYS A 2 25.05 -0.68 14.05
N LEU A 3 26.15 -0.25 14.66
CA LEU A 3 26.77 -0.97 15.78
C LEU A 3 26.05 -0.70 17.10
N THR A 4 25.60 0.54 17.28
CA THR A 4 24.94 0.96 18.50
C THR A 4 23.45 0.62 18.57
N ASP A 5 22.75 0.62 17.43
CA ASP A 5 21.30 0.31 17.40
C ASP A 5 20.90 -1.02 18.07
N PRO A 6 21.64 -2.12 17.79
CA PRO A 6 21.23 -3.43 18.32
C PRO A 6 21.10 -3.51 19.82
N LEU A 7 22.04 -2.90 20.53
CA LEU A 7 22.03 -2.94 22.00
C LEU A 7 20.75 -2.28 22.55
N TYR A 8 20.38 -1.14 21.98
CA TYR A 8 19.18 -0.42 22.38
C TYR A 8 17.97 -1.30 22.13
N ILE A 9 17.94 -1.90 20.95
CA ILE A 9 16.83 -2.72 20.54
C ILE A 9 16.68 -3.95 21.46
N LYS A 10 17.77 -4.67 21.68
CA LYS A 10 17.81 -5.80 22.62
C LYS A 10 17.24 -5.47 24.01
N LYS A 11 17.62 -4.34 24.61
CA LYS A 11 17.11 -3.98 25.94
C LYS A 11 15.60 -3.79 25.98
N ILE A 12 15.07 -3.10 24.99
CA ILE A 12 13.63 -2.92 24.91
C ILE A 12 12.90 -4.22 24.75
N CYS A 13 13.36 -5.09 23.85
CA CYS A 13 12.62 -6.32 23.55
C CYS A 13 12.61 -7.25 24.75
N LEU A 14 13.76 -7.34 25.42
CA LEU A 14 13.91 -8.13 26.63
C LEU A 14 12.81 -7.80 27.62
N GLU A 15 12.44 -6.53 27.69
CA GLU A 15 11.42 -6.13 28.64
C GLU A 15 9.99 -5.94 28.12
N LYS A 16 9.83 -5.94 26.79
CA LYS A 16 8.53 -5.67 26.15
C LYS A 16 7.93 -6.86 25.42
N VAL A 17 8.65 -7.98 25.42
CA VAL A 17 8.18 -9.26 24.84
C VAL A 17 8.09 -10.29 25.96
N HIS A 18 6.94 -10.95 26.08
CA HIS A 18 6.68 -11.87 27.19
C HIS A 18 7.72 -12.99 27.24
N ASP A 19 8.27 -13.25 28.43
CA ASP A 19 9.25 -14.31 28.67
C ASP A 19 10.67 -14.02 28.19
N TRP A 20 10.85 -12.98 27.38
CA TRP A 20 12.18 -12.67 26.87
C TRP A 20 13.18 -12.24 27.94
N SER A 21 12.70 -11.66 29.05
CA SER A 21 13.57 -11.18 30.12
C SER A 21 14.23 -12.33 30.89
N ARG A 22 13.78 -13.54 30.59
CA ARG A 22 14.45 -14.75 31.03
C ARG A 22 15.83 -14.89 30.36
N CYS A 23 15.97 -14.27 29.19
CA CYS A 23 17.22 -14.26 28.43
C CYS A 23 18.13 -13.11 28.84
N ASN A 24 19.33 -13.09 28.27
CA ASN A 24 20.19 -11.90 28.27
C ASN A 24 20.49 -11.38 26.84
N GLU A 25 21.08 -10.19 26.77
CA GLU A 25 21.43 -9.53 25.50
C GLU A 25 22.23 -10.39 24.50
N ASP A 26 22.91 -11.42 25.01
CA ASP A 26 23.71 -12.32 24.18
C ASP A 26 22.89 -13.39 23.43
N ASP A 27 21.67 -13.66 23.91
CA ASP A 27 20.81 -14.66 23.27
C ASP A 27 19.92 -14.04 22.18
N VAL A 28 19.88 -12.71 22.12
CA VAL A 28 19.01 -12.03 21.19
C VAL A 28 19.75 -11.57 19.92
N CYS A 29 19.12 -11.81 18.76
CA CYS A 29 19.66 -11.48 17.45
C CYS A 29 18.93 -10.32 16.80
N VAL A 30 19.67 -9.24 16.53
CA VAL A 30 19.09 -8.10 15.82
C VAL A 30 19.59 -8.09 14.36
N ASN A 31 18.64 -7.93 13.42
CA ASN A 31 18.96 -7.79 11.99
C ASN A 31 18.08 -6.73 11.35
N GLN A 32 18.68 -5.62 10.94
CA GLN A 32 17.94 -4.56 10.25
C GLN A 32 17.45 -5.08 8.92
N ILE A 33 16.19 -4.82 8.62
CA ILE A 33 15.64 -5.19 7.35
C ILE A 33 15.39 -3.93 6.51
N LEU A 34 15.26 -4.11 5.19
CA LEU A 34 15.09 -2.97 4.28
C LEU A 34 13.71 -2.37 4.45
N SER A 35 13.63 -1.04 4.34
CA SER A 35 12.38 -0.33 4.60
C SER A 35 12.36 0.98 3.84
N GLY A 36 11.29 1.74 4.06
CA GLY A 36 11.18 3.12 3.56
C GLY A 36 11.94 4.07 4.49
N LEU A 37 12.00 5.34 4.08
CA LEU A 37 12.72 6.34 4.85
C LEU A 37 11.94 6.81 6.08
N THR A 38 10.65 6.45 6.15
CA THR A 38 9.74 6.84 7.23
C THR A 38 9.94 6.06 8.54
N ASN A 39 10.50 4.86 8.44
CA ASN A 39 10.80 4.03 9.61
C ASN A 39 12.06 3.18 9.44
N GLN A 40 12.61 2.72 10.56
CA GLN A 40 13.64 1.68 10.60
C GLN A 40 12.99 0.42 11.11
N LEU A 41 13.36 -0.71 10.55
CA LEU A 41 12.74 -1.99 10.89
C LEU A 41 13.82 -3.02 11.15
N PHE A 42 13.57 -3.90 12.12
CA PHE A 42 14.54 -4.93 12.47
C PHE A 42 13.83 -6.23 12.73
N GLU A 43 14.40 -7.31 12.24
CA GLU A 43 14.03 -8.62 12.72
C GLU A 43 14.78 -8.85 14.03
N VAL A 44 14.04 -8.97 15.13
CA VAL A 44 14.64 -9.38 16.39
C VAL A 44 14.26 -10.83 16.71
N SER A 45 15.25 -11.66 16.99
CA SER A 45 14.99 -13.04 17.37
C SER A 45 15.81 -13.55 18.56
N ILE A 46 15.39 -14.69 19.08
CA ILE A 46 16.12 -15.40 20.11
C ILE A 46 16.74 -16.65 19.49
N LYS A 47 17.91 -17.03 20.02
CA LYS A 47 18.86 -17.91 19.35
C LYS A 47 18.47 -19.37 18.99
N GLU A 48 17.18 -19.72 19.08
CA GLU A 48 16.65 -21.05 18.63
C GLU A 48 17.04 -22.26 19.48
N ASP A 49 18.31 -22.34 19.86
CA ASP A 49 18.73 -23.30 20.86
C ASP A 49 18.28 -22.76 22.22
N THR A 50 18.43 -21.45 22.41
CA THR A 50 18.03 -20.77 23.64
C THR A 50 16.51 -20.70 23.81
N ALA A 51 15.79 -20.56 22.70
CA ALA A 51 14.33 -20.63 22.75
C ALA A 51 13.83 -22.01 23.19
N ILE A 52 14.45 -23.06 22.66
CA ILE A 52 14.17 -24.44 23.08
C ILE A 52 14.64 -24.67 24.51
N GLU A 53 15.81 -24.09 24.84
CA GLU A 53 16.37 -24.15 26.19
C GLU A 53 15.46 -23.46 27.21
N TYR A 54 15.11 -22.21 26.95
CA TYR A 54 14.24 -21.46 27.85
C TYR A 54 12.75 -21.60 27.53
N ARG A 55 12.39 -22.60 26.72
CA ARG A 55 10.99 -22.84 26.33
C ARG A 55 10.24 -21.55 25.92
N ILE A 56 10.90 -20.72 25.15
CA ILE A 56 10.34 -19.48 24.63
C ILE A 56 9.61 -19.77 23.32
N THR A 57 8.33 -19.43 23.30
CA THR A 57 7.46 -19.78 22.18
C THR A 57 7.49 -18.76 21.04
N ARG A 58 7.53 -17.48 21.40
CA ARG A 58 7.64 -16.42 20.39
C ARG A 58 9.12 -16.17 20.10
N ARG A 59 9.59 -16.62 18.95
CA ARG A 59 11.02 -16.61 18.66
C ARG A 59 11.45 -15.33 17.94
N HIS A 60 10.51 -14.71 17.24
CA HIS A 60 10.81 -13.53 16.43
C HIS A 60 9.77 -12.46 16.67
N VAL A 61 10.20 -11.20 16.56
CA VAL A 61 9.30 -10.04 16.49
C VAL A 61 9.80 -9.08 15.44
N LEU A 62 8.90 -8.24 14.95
CA LEU A 62 9.26 -7.06 14.19
C LEU A 62 9.38 -5.85 15.15
N PHE A 63 10.54 -5.22 15.15
CA PHE A 63 10.76 -4.01 15.91
C PHE A 63 10.69 -2.85 14.92
N ARG A 64 9.70 -1.97 15.10
CA ARG A 64 9.53 -0.79 14.24
C ARG A 64 9.90 0.47 15.00
N ILE A 65 10.84 1.24 14.44
CA ILE A 65 11.20 2.53 15.00
C ILE A 65 10.71 3.61 14.07
N TYR A 66 9.92 4.53 14.61
CA TYR A 66 9.38 5.64 13.83
C TYR A 66 10.46 6.63 13.42
N PRO A 76 -3.32 13.75 8.82
CA PRO A 76 -4.57 13.20 8.26
C PRO A 76 -5.12 12.12 9.19
N LEU A 77 -5.16 10.86 8.72
CA LEU A 77 -5.37 9.72 9.62
C LEU A 77 -4.05 9.26 10.20
N SER A 78 -3.99 9.15 11.52
CA SER A 78 -2.83 8.61 12.19
C SER A 78 -2.55 7.18 11.71
N GLU A 79 -1.35 6.95 11.18
CA GLU A 79 -0.93 5.60 10.79
C GLU A 79 -1.15 4.62 11.93
N PHE A 80 -0.78 5.04 13.15
CA PHE A 80 -0.89 4.21 14.34
C PHE A 80 -2.33 3.82 14.70
N GLU A 81 -3.24 4.78 14.68
CA GLU A 81 -4.63 4.52 14.98
C GLU A 81 -5.21 3.49 13.99
N VAL A 82 -4.89 3.65 12.71
CA VAL A 82 -5.34 2.74 11.67
C VAL A 82 -4.70 1.37 11.88
N TYR A 83 -3.39 1.39 12.09
CA TYR A 83 -2.67 0.16 12.27
C TYR A 83 -3.29 -0.67 13.41
N LYS A 84 -3.59 -0.04 14.54
CA LYS A 84 -4.13 -0.78 15.69
C LYS A 84 -5.58 -1.32 15.51
N THR A 85 -6.40 -0.61 14.75
CA THR A 85 -7.68 -1.13 14.25
C THR A 85 -7.43 -2.32 13.32
N MET A 86 -6.42 -2.21 12.44
CA MET A 86 -6.15 -3.30 11.48
C MET A 86 -5.68 -4.54 12.23
N SER A 87 -4.82 -4.34 13.23
CA SER A 87 -4.34 -5.43 14.08
C SER A 87 -5.47 -6.08 14.87
N LYS A 88 -6.35 -5.28 15.45
CA LYS A 88 -7.57 -5.78 16.13
C LYS A 88 -8.42 -6.76 15.30
N TYR A 89 -8.51 -6.54 14.00
CA TYR A 89 -9.34 -7.39 13.13
C TYR A 89 -8.52 -8.40 12.40
N ARG A 90 -7.23 -8.47 12.78
CA ARG A 90 -6.32 -9.49 12.27
C ARG A 90 -6.08 -9.33 10.78
N ILE A 91 -6.25 -8.11 10.29
CA ILE A 91 -5.85 -7.78 8.92
C ILE A 91 -4.35 -7.53 8.86
N ALA A 92 -3.84 -6.80 9.85
CA ALA A 92 -2.42 -6.50 9.95
C ALA A 92 -1.74 -7.46 10.94
N PRO A 93 -0.41 -7.56 10.89
CA PRO A 93 0.33 -8.22 11.95
C PRO A 93 -0.11 -7.67 13.32
N LEU A 94 -0.37 -8.59 14.27
CA LEU A 94 -0.70 -8.26 15.66
C LEU A 94 0.29 -7.31 16.34
N LEU A 95 -0.22 -6.22 16.89
CA LEU A 95 0.54 -5.32 17.78
C LEU A 95 0.88 -6.04 19.07
N LEU A 96 2.16 -6.20 19.35
CA LEU A 96 2.53 -6.86 20.58
C LEU A 96 2.64 -5.83 21.67
N ASN A 97 3.36 -4.75 21.38
CA ASN A 97 3.71 -3.76 22.40
C ASN A 97 4.18 -2.45 21.79
N THR A 98 4.31 -1.43 22.63
CA THR A 98 4.68 -0.09 22.25
C THR A 98 5.79 0.35 23.21
N PHE A 99 6.67 1.21 22.73
CA PHE A 99 7.67 1.89 23.53
C PHE A 99 7.71 3.32 22.96
N ASP A 100 8.45 4.22 23.60
CA ASP A 100 8.48 5.62 23.14
C ASP A 100 9.35 5.68 21.90
N GLY A 101 8.69 5.85 20.77
CA GLY A 101 9.39 6.00 19.52
C GLY A 101 9.18 4.86 18.56
N GLY A 102 8.51 3.82 18.99
CA GLY A 102 8.25 2.68 18.12
C GLY A 102 7.16 1.71 18.56
N ARG A 103 7.12 0.58 17.88
CA ARG A 103 6.19 -0.48 18.26
C ARG A 103 6.89 -1.81 17.98
N ILE A 104 6.39 -2.86 18.62
CA ILE A 104 6.82 -4.21 18.39
C ILE A 104 5.59 -4.95 17.82
N GLU A 105 5.78 -5.64 16.70
CA GLU A 105 4.68 -6.33 16.04
C GLU A 105 4.96 -7.83 15.90
N GLU A 106 3.90 -8.59 15.69
CA GLU A 106 4.01 -10.01 15.33
C GLU A 106 4.95 -10.15 14.13
N TRP A 107 5.91 -11.06 14.24
CA TRP A 107 6.76 -11.36 13.11
C TRP A 107 6.04 -12.32 12.16
N LEU A 108 5.89 -11.89 10.91
CA LEU A 108 5.36 -12.75 9.84
C LEU A 108 6.48 -13.52 9.16
N TYR A 109 6.28 -14.83 9.03
CA TYR A 109 7.31 -15.74 8.53
C TYR A 109 7.54 -15.82 7.01
N GLY A 110 6.60 -15.31 6.22
CA GLY A 110 6.77 -15.40 4.77
C GLY A 110 7.64 -14.34 4.15
N ASP A 111 7.27 -13.94 2.94
CA ASP A 111 8.02 -12.95 2.18
C ASP A 111 7.02 -12.07 1.50
N PRO A 112 7.44 -10.84 1.14
CA PRO A 112 6.53 -10.03 0.34
C PRO A 112 6.35 -10.76 -0.99
N LEU A 113 5.21 -10.58 -1.65
CA LEU A 113 5.07 -11.07 -3.03
C LEU A 113 6.09 -10.39 -3.92
N SER A 114 6.58 -11.13 -4.91
CA SER A 114 7.41 -10.52 -5.93
C SER A 114 6.55 -9.98 -7.07
N ILE A 115 7.19 -9.20 -7.92
CA ILE A 115 6.54 -8.61 -9.08
C ILE A 115 6.14 -9.75 -10.06
N ASP A 116 6.94 -10.80 -10.12
CA ASP A 116 6.63 -11.93 -10.99
C ASP A 116 5.48 -12.80 -10.45
N ASP A 117 5.33 -12.87 -9.12
CA ASP A 117 4.14 -13.46 -8.50
C ASP A 117 2.82 -12.91 -9.02
N LEU A 118 2.77 -11.60 -9.29
CA LEU A 118 1.56 -10.93 -9.72
C LEU A 118 1.13 -11.41 -11.08
N LYS A 119 2.01 -12.12 -11.79
CA LYS A 119 1.65 -12.77 -13.06
C LYS A 119 0.92 -14.11 -12.87
N ASN A 120 1.11 -14.74 -11.72
CA ASN A 120 0.53 -16.03 -11.43
C ASN A 120 -0.97 -15.86 -11.15
N LYS A 121 -1.80 -16.53 -11.95
CA LYS A 121 -3.27 -16.36 -11.86
C LYS A 121 -3.85 -16.82 -10.52
N SER A 122 -3.28 -17.87 -9.96
CA SER A 122 -3.73 -18.39 -8.69
C SER A 122 -3.45 -17.41 -7.55
N ILE A 123 -2.38 -16.65 -7.70
CA ILE A 123 -2.01 -15.60 -6.73
C ILE A 123 -2.91 -14.36 -6.86
N LEU A 124 -3.16 -13.93 -8.08
CA LEU A 124 -4.18 -12.90 -8.36
C LEU A 124 -5.54 -13.23 -7.76
N VAL A 125 -5.95 -14.48 -7.88
CA VAL A 125 -7.21 -14.94 -7.26
C VAL A 125 -7.17 -14.75 -5.74
N GLY A 126 -6.07 -15.18 -5.12
CA GLY A 126 -5.85 -15.06 -3.70
C GLY A 126 -5.83 -13.61 -3.28
N ILE A 127 -5.27 -12.72 -4.09
CA ILE A 127 -5.22 -11.29 -3.73
C ILE A 127 -6.63 -10.69 -3.80
N ALA A 128 -7.38 -11.05 -4.85
CA ALA A 128 -8.74 -10.60 -5.02
C ALA A 128 -9.66 -11.09 -3.90
N ASN A 129 -9.49 -12.34 -3.46
CA ASN A 129 -10.30 -12.82 -2.33
C ASN A 129 -10.08 -12.00 -1.09
N VAL A 130 -8.80 -11.82 -0.74
CA VAL A 130 -8.37 -11.09 0.40
C VAL A 130 -8.82 -9.63 0.33
N LEU A 131 -8.64 -8.98 -0.82
CA LEU A 131 -9.05 -7.59 -0.99
C LEU A 131 -10.58 -7.46 -0.97
N GLY A 132 -11.28 -8.44 -1.53
CA GLY A 132 -12.74 -8.44 -1.53
C GLY A 132 -13.24 -8.46 -0.09
N LYS A 133 -12.64 -9.29 0.75
CA LYS A 133 -13.05 -9.38 2.14
C LYS A 133 -12.67 -8.08 2.86
N PHE A 134 -11.43 -7.63 2.64
CA PHE A 134 -10.91 -6.45 3.34
C PHE A 134 -11.85 -5.24 3.18
N HIS A 135 -12.40 -5.11 1.98
CA HIS A 135 -13.24 -4.00 1.61
C HIS A 135 -14.63 -4.03 2.21
N THR A 136 -15.04 -5.17 2.77
CA THR A 136 -16.33 -5.25 3.48
C THR A 136 -16.21 -4.75 4.92
N LEU A 137 -15.00 -4.54 5.40
CA LEU A 137 -14.77 -4.21 6.81
C LEU A 137 -15.66 -3.06 7.28
N SER A 138 -15.71 -2.04 6.47
CA SER A 138 -16.48 -0.82 6.69
C SER A 138 -17.96 -1.04 6.99
N ARG A 139 -18.58 -2.03 6.34
CA ARG A 139 -19.99 -2.27 6.57
C ARG A 139 -20.22 -3.41 7.56
N LYS A 140 -19.20 -4.21 7.79
CA LYS A 140 -19.34 -5.37 8.66
C LYS A 140 -18.80 -5.16 10.06
N ARG A 141 -17.85 -4.25 10.21
CA ARG A 141 -17.43 -3.86 11.55
C ARG A 141 -17.76 -2.41 11.80
N HIS A 142 -17.56 -1.99 13.04
CA HIS A 142 -17.77 -0.62 13.34
C HIS A 142 -16.43 0.07 13.46
N LEU A 143 -16.03 0.73 12.38
CA LEU A 143 -14.76 1.46 12.34
C LEU A 143 -14.81 2.73 13.20
N PRO A 144 -13.64 3.22 13.65
CA PRO A 144 -13.71 4.47 14.42
C PRO A 144 -14.40 5.56 13.60
N GLU A 145 -15.47 6.11 14.18
CA GLU A 145 -16.40 7.01 13.48
C GLU A 145 -15.87 8.42 13.21
N HIS A 146 -14.83 8.83 13.91
CA HIS A 146 -14.27 10.18 13.69
C HIS A 146 -13.45 10.24 12.42
N TRP A 147 -13.08 9.09 11.86
CA TRP A 147 -12.25 9.07 10.65
C TRP A 147 -12.97 9.79 9.51
N ASP A 148 -12.26 10.73 8.90
CA ASP A 148 -12.74 11.45 7.72
C ASP A 148 -13.20 10.49 6.59
N LYS A 149 -14.42 10.66 6.09
CA LYS A 149 -14.93 9.77 5.05
C LYS A 149 -14.77 10.34 3.64
N THR A 150 -14.15 11.52 3.55
CA THR A 150 -13.83 12.14 2.26
C THR A 150 -12.79 11.28 1.53
N PRO A 151 -13.14 10.79 0.32
CA PRO A 151 -12.26 9.87 -0.39
C PRO A 151 -10.83 10.41 -0.51
N CYS A 152 -9.86 9.55 -0.24
CA CYS A 152 -8.47 9.96 -0.17
C CYS A 152 -7.90 10.45 -1.51
N VAL A 153 -8.53 10.06 -2.62
CA VAL A 153 -8.16 10.59 -3.92
C VAL A 153 -8.34 12.12 -4.00
N PHE A 154 -9.42 12.67 -3.43
CA PHE A 154 -9.63 14.12 -3.34
C PHE A 154 -8.56 14.75 -2.46
N LYS A 155 -8.43 14.24 -1.24
CA LYS A 155 -7.44 14.74 -0.29
C LYS A 155 -5.98 14.66 -0.76
N MET A 156 -5.56 13.49 -1.27
CA MET A 156 -4.17 13.32 -1.71
C MET A 156 -3.85 14.20 -2.92
N MET A 157 -4.73 14.22 -3.90
CA MET A 157 -4.56 15.00 -5.12
C MET A 157 -4.49 16.49 -4.82
N ASP A 158 -5.37 16.95 -3.96
CA ASP A 158 -5.47 18.37 -3.62
C ASP A 158 -4.26 18.83 -2.81
N ARG A 159 -4.03 18.16 -1.69
CA ARG A 159 -2.91 18.45 -0.77
C ARG A 159 -1.58 18.41 -1.53
N TRP A 160 -1.32 17.31 -2.24
CA TRP A 160 0.00 17.12 -2.87
C TRP A 160 0.27 17.98 -4.10
N ARG A 161 -0.81 18.34 -4.80
CA ARG A 161 -0.69 19.24 -5.91
C ARG A 161 -0.42 20.68 -5.42
N LEU A 162 -1.15 21.11 -4.41
CA LEU A 162 -0.91 22.42 -3.82
C LEU A 162 0.57 22.57 -3.47
N ALA A 163 1.13 21.59 -2.77
CA ALA A 163 2.52 21.59 -2.32
C ALA A 163 3.55 21.61 -3.45
N VAL A 164 3.25 20.93 -4.56
CA VAL A 164 4.12 20.92 -5.75
C VAL A 164 4.11 22.25 -6.49
N SER A 165 2.98 22.95 -6.44
CA SER A 165 2.84 24.26 -7.07
C SER A 165 3.72 25.31 -6.43
N ASN A 166 4.08 25.12 -5.16
CA ASN A 166 4.91 26.06 -4.42
C ASN A 166 6.42 25.94 -4.70
N TYR A 167 6.82 24.97 -5.54
CA TYR A 167 8.25 24.70 -5.78
C TYR A 167 8.86 25.51 -6.92
N LYS A 168 10.10 25.93 -6.71
CA LYS A 168 10.93 26.49 -7.78
C LYS A 168 11.55 25.35 -8.60
N ASN A 169 11.96 25.66 -9.83
CA ASN A 169 12.71 24.72 -10.69
C ASN A 169 11.98 23.42 -11.06
N LEU A 170 10.65 23.49 -11.22
CA LEU A 170 9.84 22.34 -11.61
C LEU A 170 10.12 21.86 -13.03
N ASP A 171 10.55 22.79 -13.88
CA ASP A 171 11.01 22.44 -15.21
C ASP A 171 12.18 21.44 -15.18
N LYS A 172 12.87 21.36 -14.05
CA LYS A 172 13.95 20.37 -13.86
C LYS A 172 13.39 18.96 -13.61
N VAL A 173 12.07 18.86 -13.44
CA VAL A 173 11.34 17.59 -13.45
C VAL A 173 10.83 17.29 -14.88
N THR A 174 10.00 18.19 -15.42
CA THR A 174 9.52 18.11 -16.81
C THR A 174 9.18 19.49 -17.36
N LEU A 175 9.50 19.72 -18.64
CA LEU A 175 9.21 21.01 -19.28
C LEU A 175 7.70 21.33 -19.25
N ASP A 176 6.89 20.28 -19.13
CA ASP A 176 5.44 20.39 -19.25
C ASP A 176 4.69 20.21 -17.90
N ILE A 177 5.32 20.66 -16.80
CA ILE A 177 4.78 20.40 -15.45
C ILE A 177 3.41 21.04 -15.19
N ASN A 178 3.22 22.28 -15.66
CA ASN A 178 1.97 23.00 -15.48
CA ASN A 178 1.96 23.01 -15.48
C ASN A 178 0.80 22.35 -16.20
N LYS A 179 1.11 21.64 -17.29
CA LYS A 179 0.13 20.81 -17.95
C LYS A 179 -0.45 19.76 -16.96
N TYR A 180 0.40 19.15 -16.15
CA TYR A 180 -0.06 18.13 -15.19
C TYR A 180 -0.68 18.72 -13.95
N ILE A 181 -0.19 19.89 -13.49
CA ILE A 181 -0.88 20.61 -12.41
C ILE A 181 -2.30 20.98 -12.85
N GLN A 182 -2.44 21.42 -14.10
CA GLN A 182 -3.75 21.69 -14.67
C GLN A 182 -4.61 20.44 -14.88
N GLU A 183 -3.97 19.33 -15.24
CA GLU A 183 -4.65 18.05 -15.47
C GLU A 183 -5.34 17.56 -14.22
N SER A 184 -4.67 17.74 -13.08
CA SER A 184 -5.15 17.28 -11.79
C SER A 184 -6.53 17.81 -11.40
N HIS A 185 -6.74 19.14 -11.42
CA HIS A 185 -8.08 19.66 -11.04
C HIS A 185 -9.15 19.43 -12.13
N LYS A 186 -8.71 19.23 -13.36
CA LYS A 186 -9.62 18.73 -14.39
C LYS A 186 -10.04 17.27 -14.08
N PHE A 187 -9.13 16.49 -13.52
CA PHE A 187 -9.44 15.10 -13.15
C PHE A 187 -10.38 15.05 -11.96
N LEU A 188 -10.09 15.86 -10.92
CA LEU A 188 -10.95 15.97 -9.74
C LEU A 188 -12.38 16.38 -10.07
N LYS A 189 -12.54 17.32 -11.01
CA LYS A 189 -13.88 17.73 -11.44
C LYS A 189 -14.59 16.60 -12.21
N PHE A 190 -13.86 15.94 -13.10
CA PHE A 190 -14.38 14.74 -13.78
C PHE A 190 -14.76 13.64 -12.78
N ILE A 191 -13.85 13.35 -11.87
CA ILE A 191 -14.10 12.27 -10.89
C ILE A 191 -15.27 12.59 -9.93
N LYS A 192 -15.58 13.88 -9.73
CA LYS A 192 -16.75 14.29 -8.93
C LYS A 192 -18.06 13.86 -9.58
N ILE A 193 -18.17 14.05 -10.89
CA ILE A 193 -19.32 13.62 -11.66
C ILE A 193 -19.32 12.11 -11.87
N TYR A 194 -18.16 11.57 -12.25
CA TYR A 194 -18.10 10.20 -12.70
C TYR A 194 -18.48 9.21 -11.62
N THR A 195 -17.98 9.43 -10.40
CA THR A 195 -18.21 8.50 -9.32
C THR A 195 -19.59 8.63 -8.69
N GLN A 196 -20.47 9.40 -9.32
CA GLN A 196 -21.88 9.45 -8.92
C GLN A 196 -22.75 8.52 -9.76
N ILE A 197 -22.14 7.88 -10.77
CA ILE A 197 -22.77 6.78 -11.50
C ILE A 197 -23.10 5.63 -10.53
N GLU A 198 -24.29 5.04 -10.69
CA GLU A 198 -24.75 3.91 -9.86
C GLU A 198 -24.00 2.64 -10.26
N ASN A 199 -22.82 2.46 -9.66
CA ASN A 199 -21.95 1.33 -9.92
C ASN A 199 -21.12 1.09 -8.68
N ILE A 200 -20.95 -0.17 -8.30
CA ILE A 200 -20.28 -0.50 -7.02
C ILE A 200 -18.81 -0.18 -6.98
N ALA A 201 -18.18 -0.11 -8.15
CA ALA A 201 -16.81 0.38 -8.29
C ALA A 201 -16.63 1.74 -7.59
N ASN A 202 -17.72 2.52 -7.57
CA ASN A 202 -17.74 3.79 -6.87
C ASN A 202 -18.07 3.76 -5.37
N ASP A 203 -18.28 2.57 -4.79
CA ASP A 203 -18.53 2.45 -3.35
C ASP A 203 -17.32 3.09 -2.62
N ILE A 204 -17.59 3.74 -1.50
CA ILE A 204 -16.55 4.37 -0.73
C ILE A 204 -16.44 3.50 0.49
N VAL A 205 -15.27 2.89 0.64
CA VAL A 205 -14.99 1.91 1.67
C VAL A 205 -13.63 2.27 2.28
N PHE A 206 -13.25 1.58 3.34
CA PHE A 206 -11.94 1.81 3.93
C PHE A 206 -10.83 1.14 3.12
N CYS A 207 -9.94 1.95 2.55
CA CYS A 207 -8.96 1.50 1.55
C CYS A 207 -7.53 1.51 2.08
N HIS A 208 -6.75 0.62 1.51
CA HIS A 208 -5.35 0.49 1.85
C HIS A 208 -4.55 1.65 1.26
N ASN A 209 -4.87 1.98 0.01
CA ASN A 209 -4.27 3.12 -0.74
C ASN A 209 -2.80 2.98 -1.16
N ASP A 210 -2.18 1.84 -0.85
CA ASP A 210 -0.81 1.62 -1.32
C ASP A 210 -0.61 0.15 -1.64
N LEU A 211 -1.56 -0.38 -2.37
CA LEU A 211 -1.65 -1.79 -2.65
C LEU A 211 -0.63 -2.08 -3.70
N GLN A 212 0.26 -3.01 -3.41
CA GLN A 212 1.37 -3.36 -4.29
C GLN A 212 2.02 -4.61 -3.70
N GLU A 213 2.81 -5.33 -4.50
CA GLU A 213 3.41 -6.60 -4.08
C GLU A 213 4.21 -6.56 -2.75
N ASN A 214 5.00 -5.50 -2.55
CA ASN A 214 5.79 -5.35 -1.31
C ASN A 214 4.97 -5.10 -0.03
N ASN A 215 3.68 -4.82 -0.19
CA ASN A 215 2.77 -4.64 0.97
C ASN A 215 1.87 -5.85 1.23
N ILE A 216 2.11 -6.92 0.51
CA ILE A 216 1.34 -8.15 0.66
C ILE A 216 2.29 -9.25 1.05
N MET A 217 2.14 -9.73 2.27
CA MET A 217 2.97 -10.78 2.82
C MET A 217 2.34 -12.12 2.51
N ASN A 218 3.15 -13.05 2.04
CA ASN A 218 2.69 -14.36 1.73
C ASN A 218 3.39 -15.40 2.61
N THR A 219 2.60 -16.04 3.47
CA THR A 219 3.06 -17.18 4.28
C THR A 219 2.30 -18.42 3.83
N ASN A 220 3.00 -19.31 3.12
CA ASN A 220 2.46 -20.60 2.68
C ASN A 220 1.05 -20.47 2.07
N LYS A 221 0.90 -19.49 1.17
CA LYS A 221 -0.35 -19.24 0.45
C LYS A 221 -1.42 -18.53 1.30
N CYS A 222 -1.01 -17.96 2.42
CA CYS A 222 -1.90 -17.15 3.27
C CYS A 222 -1.45 -15.70 3.14
N LEU A 223 -2.30 -14.90 2.52
CA LEU A 223 -1.93 -13.55 2.16
C LEU A 223 -2.29 -12.58 3.27
N ARG A 224 -1.34 -11.74 3.65
CA ARG A 224 -1.59 -10.70 4.66
C ARG A 224 -1.23 -9.33 4.10
N LEU A 225 -1.93 -8.30 4.58
CA LEU A 225 -1.67 -6.93 4.18
C LEU A 225 -0.82 -6.24 5.26
N ILE A 226 0.10 -5.37 4.85
CA ILE A 226 0.88 -4.57 5.78
C ILE A 226 0.91 -3.13 5.28
N ASP A 227 1.45 -2.21 6.09
CA ASP A 227 1.75 -0.83 5.64
C ASP A 227 0.51 0.02 5.37
N PHE A 228 -0.07 0.55 6.45
CA PHE A 228 -1.31 1.28 6.39
C PHE A 228 -1.08 2.78 6.48
N GLU A 229 0.08 3.23 6.02
CA GLU A 229 0.47 4.62 6.15
C GLU A 229 -0.46 5.55 5.38
N TYR A 230 -0.98 5.09 4.26
CA TYR A 230 -1.75 5.95 3.40
C TYR A 230 -3.22 5.63 3.46
N SER A 231 -3.57 4.70 4.35
CA SER A 231 -4.93 4.17 4.45
C SER A 231 -5.99 5.18 4.86
N GLY A 232 -7.12 5.13 4.15
CA GLY A 232 -8.29 5.86 4.57
C GLY A 232 -9.43 5.55 3.62
N TYR A 233 -10.58 6.17 3.82
CA TYR A 233 -11.73 5.94 2.95
C TYR A 233 -11.46 6.41 1.54
N ASN A 234 -11.81 5.58 0.59
CA ASN A 234 -11.58 5.91 -0.81
C ASN A 234 -12.52 5.10 -1.65
N PHE A 235 -12.64 5.48 -2.91
CA PHE A 235 -13.38 4.66 -3.86
C PHE A 235 -12.68 3.32 -3.96
N LEU A 236 -13.49 2.28 -3.89
CA LEU A 236 -12.96 0.94 -3.87
C LEU A 236 -12.16 0.60 -5.13
N SER A 237 -12.52 1.25 -6.24
CA SER A 237 -11.82 0.99 -7.48
C SER A 237 -10.41 1.66 -7.47
N ALA A 238 -10.19 2.64 -6.63
CA ALA A 238 -8.85 3.26 -6.54
C ALA A 238 -7.82 2.34 -5.90
N ASP A 239 -8.23 1.59 -4.89
CA ASP A 239 -7.38 0.58 -4.28
C ASP A 239 -6.95 -0.46 -5.32
N ILE A 240 -7.91 -0.90 -6.13
CA ILE A 240 -7.70 -1.90 -7.17
C ILE A 240 -6.85 -1.36 -8.33
N ALA A 241 -7.12 -0.11 -8.74
CA ALA A 241 -6.35 0.51 -9.82
C ALA A 241 -4.88 0.56 -9.41
N ASN A 242 -4.63 0.87 -8.14
CA ASN A 242 -3.26 0.91 -7.66
C ASN A 242 -2.59 -0.44 -7.82
N PHE A 243 -3.26 -1.49 -7.35
CA PHE A 243 -2.76 -2.82 -7.53
C PHE A 243 -2.44 -3.15 -9.02
N PHE A 244 -3.42 -2.92 -9.91
CA PHE A 244 -3.23 -3.15 -11.35
C PHE A 244 -1.99 -2.43 -11.91
N ILE A 245 -1.81 -1.18 -11.51
CA ILE A 245 -0.67 -0.37 -11.97
C ILE A 245 0.62 -1.00 -11.55
N GLU A 246 0.61 -1.54 -10.34
CA GLU A 246 1.81 -2.04 -9.73
C GLU A 246 2.33 -3.32 -10.35
N THR A 247 1.54 -3.93 -11.24
CA THR A 247 2.04 -5.07 -12.01
C THR A 247 3.17 -4.66 -12.96
N THR A 248 3.30 -3.35 -13.26
CA THR A 248 4.29 -2.86 -14.23
C THR A 248 5.48 -2.18 -13.55
N ILE A 249 5.51 -2.15 -12.21
CA ILE A 249 6.59 -1.50 -11.46
C ILE A 249 7.26 -2.45 -10.44
N ASP A 250 8.55 -2.68 -10.62
CA ASP A 250 9.35 -3.57 -9.79
C ASP A 250 10.24 -2.67 -8.92
N TYR A 251 10.07 -2.70 -7.60
CA TYR A 251 10.90 -1.88 -6.70
C TYR A 251 12.10 -2.62 -6.11
N SER A 252 12.26 -3.89 -6.49
N SER A 252 12.27 -3.89 -6.49
CA SER A 252 13.34 -4.72 -5.95
CA SER A 252 13.35 -4.75 -5.97
C SER A 252 14.70 -4.44 -6.60
C SER A 252 14.64 -4.71 -6.80
N TYR A 253 14.68 -3.82 -7.78
CA TYR A 253 15.92 -3.55 -8.52
C TYR A 253 16.86 -2.75 -7.62
N ASN A 254 18.12 -3.17 -7.61
CA ASN A 254 19.01 -2.82 -6.52
C ASN A 254 20.18 -1.95 -6.92
N ALA A 255 20.06 -1.34 -8.10
CA ALA A 255 20.96 -0.27 -8.50
C ALA A 255 20.09 0.84 -9.05
N TYR A 256 20.73 1.97 -9.39
CA TYR A 256 20.05 3.17 -9.85
C TYR A 256 19.13 2.88 -11.03
N PRO A 257 17.90 3.41 -11.02
CA PRO A 257 17.22 4.31 -10.07
C PRO A 257 16.47 3.60 -8.95
N PHE A 258 16.70 2.29 -8.78
CA PHE A 258 16.08 1.46 -7.74
C PHE A 258 14.59 1.13 -7.99
N PHE A 259 14.22 1.12 -9.26
CA PHE A 259 12.90 0.65 -9.67
C PHE A 259 13.04 0.34 -11.16
N ILE A 260 12.15 -0.49 -11.70
CA ILE A 260 12.13 -0.82 -13.13
C ILE A 260 10.68 -0.79 -13.53
N ILE A 261 10.42 -0.17 -14.67
CA ILE A 261 9.10 -0.10 -15.27
C ILE A 261 9.03 -1.09 -16.42
N ASN A 262 8.09 -2.03 -16.38
CA ASN A 262 7.81 -2.88 -17.56
C ASN A 262 6.35 -2.77 -17.93
N LYS A 263 6.03 -1.89 -18.85
CA LYS A 263 4.63 -1.63 -19.14
C LYS A 263 3.93 -2.74 -19.90
N LYS A 264 4.70 -3.59 -20.57
CA LYS A 264 4.18 -4.75 -21.28
C LYS A 264 3.54 -5.72 -20.28
N ASN A 265 3.96 -5.64 -19.03
CA ASN A 265 3.49 -6.56 -18.03
C ASN A 265 2.17 -6.19 -17.38
N TYR A 266 1.56 -5.09 -17.82
CA TYR A 266 0.26 -4.71 -17.26
C TYR A 266 -0.69 -5.90 -17.28
N ILE A 267 -1.30 -6.17 -16.13
CA ILE A 267 -2.15 -7.34 -15.96
C ILE A 267 -3.09 -7.45 -17.17
N SER A 268 -3.21 -8.64 -17.76
CA SER A 268 -3.94 -8.79 -19.04
C SER A 268 -5.45 -8.67 -18.83
N TYR A 269 -6.17 -8.46 -19.92
CA TYR A 269 -7.62 -8.28 -19.90
C TYR A 269 -8.30 -9.46 -19.20
N GLU A 270 -7.91 -10.67 -19.59
CA GLU A 270 -8.47 -11.88 -19.01
C GLU A 270 -8.18 -12.04 -17.51
N SER A 271 -6.98 -11.70 -17.10
CA SER A 271 -6.62 -11.70 -15.67
C SER A 271 -7.41 -10.67 -14.87
N ARG A 272 -7.63 -9.51 -15.49
CA ARG A 272 -8.43 -8.44 -14.90
C ARG A 272 -9.89 -8.85 -14.63
N ILE A 273 -10.52 -9.54 -15.60
CA ILE A 273 -11.86 -10.10 -15.43
C ILE A 273 -11.89 -11.17 -14.36
N LEU A 274 -10.90 -12.06 -14.37
CA LEU A 274 -10.77 -13.07 -13.33
C LEU A 274 -10.58 -12.42 -11.94
N PHE A 275 -9.77 -11.37 -11.86
CA PHE A 275 -9.56 -10.66 -10.57
C PHE A 275 -10.87 -10.00 -10.12
N VAL A 276 -11.56 -9.32 -11.03
CA VAL A 276 -12.74 -8.52 -10.66
C VAL A 276 -13.89 -9.45 -10.24
N THR A 277 -14.00 -10.57 -10.94
CA THR A 277 -15.02 -11.58 -10.66
C THR A 277 -14.81 -12.23 -9.31
N THR A 278 -13.54 -12.55 -9.03
CA THR A 278 -13.19 -13.19 -7.78
C THR A 278 -13.45 -12.18 -6.66
N TYR A 279 -12.99 -10.96 -6.88
CA TYR A 279 -13.18 -9.84 -5.95
C TYR A 279 -14.67 -9.67 -5.58
N LEU A 280 -15.54 -9.68 -6.59
CA LEU A 280 -16.95 -9.38 -6.35
C LEU A 280 -17.62 -10.54 -5.63
N SER A 281 -17.08 -11.75 -5.78
CA SER A 281 -17.62 -12.88 -5.09
C SER A 281 -17.36 -12.79 -3.58
N LYS A 282 -16.36 -12.03 -3.15
CA LYS A 282 -16.19 -11.78 -1.70
C LYS A 282 -16.72 -10.44 -1.22
N TYR A 283 -16.60 -9.38 -2.03
CA TYR A 283 -17.07 -8.06 -1.63
C TYR A 283 -18.59 -7.93 -1.54
N LEU A 284 -19.31 -8.51 -2.49
CA LEU A 284 -20.77 -8.39 -2.47
C LEU A 284 -21.44 -9.45 -1.59
N ASP A 285 -22.44 -9.04 -0.81
CA ASP A 285 -23.37 -9.98 -0.15
C ASP A 285 -24.04 -10.90 -1.14
N ASP A 286 -24.43 -12.09 -0.66
CA ASP A 286 -25.23 -13.02 -1.43
C ASP A 286 -26.54 -12.38 -1.92
N SER A 287 -27.11 -11.51 -1.07
CA SER A 287 -28.33 -10.78 -1.35
C SER A 287 -28.14 -9.37 -1.94
N THR A 288 -26.97 -9.10 -2.52
CA THR A 288 -26.69 -7.79 -3.13
C THR A 288 -27.66 -7.41 -4.25
N ALA A 289 -28.01 -6.12 -4.32
CA ALA A 289 -28.91 -5.57 -5.34
C ALA A 289 -28.30 -5.34 -6.74
N ALA A 290 -27.01 -5.67 -6.90
CA ALA A 290 -26.28 -5.64 -8.20
C ALA A 290 -27.05 -5.16 -9.43
N ASP A 292 -26.92 -5.15 -12.82
CA ASP A 292 -26.95 -4.85 -14.26
C ASP A 292 -25.89 -5.60 -15.09
N GLN A 293 -26.22 -5.84 -16.37
CA GLN A 293 -25.39 -6.63 -17.30
C GLN A 293 -23.94 -6.19 -17.36
N ASP A 294 -23.73 -4.87 -17.35
CA ASP A 294 -22.41 -4.30 -17.55
C ASP A 294 -21.64 -4.00 -16.23
N ILE A 295 -21.95 -4.73 -15.16
CA ILE A 295 -21.27 -4.57 -13.85
C ILE A 295 -19.79 -4.71 -14.02
N ILE A 296 -19.35 -5.74 -14.76
CA ILE A 296 -17.92 -5.95 -14.95
C ILE A 296 -17.35 -4.91 -15.91
N ASP A 297 -18.05 -4.61 -17.00
CA ASP A 297 -17.59 -3.57 -17.90
C ASP A 297 -17.37 -2.24 -17.15
N GLN A 298 -18.39 -1.80 -16.41
N GLN A 298 -18.41 -1.81 -16.43
CA GLN A 298 -18.35 -0.50 -15.73
CA GLN A 298 -18.42 -0.53 -15.69
C GLN A 298 -17.30 -0.52 -14.64
C GLN A 298 -17.30 -0.54 -14.67
N PHE A 299 -17.21 -1.66 -13.95
CA PHE A 299 -16.25 -1.87 -12.92
C PHE A 299 -14.81 -1.76 -13.44
N LEU A 300 -14.53 -2.43 -14.56
CA LEU A 300 -13.21 -2.38 -15.20
C LEU A 300 -12.89 -0.98 -15.73
N GLU A 301 -13.90 -0.29 -16.24
CA GLU A 301 -13.77 1.11 -16.66
C GLU A 301 -13.45 2.08 -15.50
N ALA A 302 -14.12 1.92 -14.35
CA ALA A 302 -13.90 2.79 -13.18
C ALA A 302 -12.48 2.65 -12.61
N ILE A 303 -11.97 1.42 -12.62
CA ILE A 303 -10.59 1.14 -12.29
C ILE A 303 -9.60 1.86 -13.20
N GLU A 304 -9.82 1.80 -14.51
CA GLU A 304 -8.89 2.49 -15.43
C GLU A 304 -9.00 4.02 -15.22
N VAL A 305 -10.22 4.52 -15.00
CA VAL A 305 -10.42 5.93 -14.69
C VAL A 305 -9.63 6.34 -13.44
N GLN A 306 -9.76 5.59 -12.36
CA GLN A 306 -9.03 5.89 -11.11
C GLN A 306 -7.52 5.79 -11.33
N ALA A 307 -7.10 4.89 -12.21
CA ALA A 307 -5.70 4.70 -12.49
C ALA A 307 -5.10 6.03 -12.96
N LEU A 308 -5.83 6.72 -13.82
CA LEU A 308 -5.40 8.02 -14.31
C LEU A 308 -5.01 9.01 -13.18
N GLY A 309 -5.87 9.19 -12.19
CA GLY A 309 -5.60 10.06 -11.06
C GLY A 309 -4.44 9.64 -10.19
N LEU A 310 -4.24 8.33 -10.08
CA LEU A 310 -3.21 7.75 -9.23
C LEU A 310 -1.83 8.12 -9.72
N HIS A 311 -1.70 8.12 -11.04
CA HIS A 311 -0.48 8.53 -11.69
C HIS A 311 -0.08 9.97 -11.33
N LEU A 312 -1.07 10.88 -11.33
CA LEU A 312 -0.86 12.24 -10.84
C LEU A 312 -0.49 12.28 -9.35
N ILE A 313 -1.26 11.56 -8.54
CA ILE A 313 -1.11 11.54 -7.11
C ILE A 313 0.30 11.09 -6.74
N TRP A 314 0.70 9.92 -7.24
CA TRP A 314 2.01 9.38 -6.97
C TRP A 314 3.14 10.17 -7.61
N ALA A 315 2.93 10.77 -8.78
CA ALA A 315 3.95 11.71 -9.35
C ALA A 315 4.21 12.91 -8.45
N PHE A 316 3.13 13.53 -7.95
CA PHE A 316 3.24 14.69 -7.02
C PHE A 316 3.89 14.28 -5.69
N TRP A 317 3.42 13.17 -5.13
CA TRP A 317 4.05 12.54 -3.96
C TRP A 317 5.55 12.45 -4.13
N SER A 318 5.95 11.93 -5.29
CA SER A 318 7.35 11.63 -5.56
C SER A 318 8.16 12.93 -5.76
N ILE A 319 7.55 13.94 -6.37
CA ILE A 319 8.14 15.29 -6.48
C ILE A 319 8.44 15.92 -5.11
N ILE A 320 7.46 15.86 -4.21
CA ILE A 320 7.60 16.34 -2.82
C ILE A 320 8.75 15.60 -2.11
N ARG A 321 8.83 14.28 -2.30
CA ARG A 321 9.90 13.49 -1.70
CA ARG A 321 9.90 13.51 -1.68
C ARG A 321 11.26 13.83 -2.31
N GLY A 322 11.28 14.06 -3.62
CA GLY A 322 12.48 14.52 -4.31
C GLY A 322 12.99 15.82 -3.70
N TYR A 323 12.12 16.82 -3.60
CA TYR A 323 12.50 18.12 -3.05
C TYR A 323 12.90 18.04 -1.58
N GLN A 324 12.27 17.17 -0.80
CA GLN A 324 12.60 17.10 0.62
C GLN A 324 13.68 16.08 1.03
N THR A 325 14.12 15.24 0.08
CA THR A 325 15.23 14.33 0.33
C THR A 325 16.56 14.80 -0.27
N PHE A 331 16.86 5.83 -4.49
CA PHE A 331 15.63 5.95 -5.27
C PHE A 331 15.57 7.31 -5.95
N ASP A 332 15.48 7.32 -7.28
CA ASP A 332 15.37 8.59 -8.02
C ASP A 332 13.91 9.01 -8.07
N PHE A 333 13.54 9.91 -7.15
CA PHE A 333 12.16 10.36 -7.01
C PHE A 333 11.69 11.14 -8.22
N PHE A 334 12.60 11.88 -8.82
CA PHE A 334 12.26 12.72 -9.94
C PHE A 334 12.08 11.92 -11.21
N LEU A 335 12.94 10.91 -11.41
CA LEU A 335 12.78 10.06 -12.57
C LEU A 335 11.47 9.30 -12.40
N TYR A 336 11.17 8.88 -11.17
CA TYR A 336 9.93 8.16 -10.88
C TYR A 336 8.67 8.99 -11.13
N ALA A 337 8.66 10.25 -10.69
CA ALA A 337 7.59 11.19 -11.00
C ALA A 337 7.43 11.28 -12.52
N LYS A 338 8.56 11.46 -13.21
CA LYS A 338 8.56 11.61 -14.66
C LYS A 338 7.85 10.43 -15.29
N GLU A 339 8.26 9.22 -14.87
CA GLU A 339 7.67 7.96 -15.31
C GLU A 339 6.19 7.86 -15.00
N ARG A 340 5.77 8.26 -13.82
CA ARG A 340 4.33 8.27 -13.51
C ARG A 340 3.58 9.30 -14.39
N LEU A 341 4.24 10.37 -14.78
CA LEU A 341 3.57 11.35 -15.67
C LEU A 341 3.40 10.83 -17.09
N LYS A 342 4.43 10.12 -17.57
CA LYS A 342 4.33 9.48 -18.86
C LYS A 342 3.21 8.47 -18.82
N MET A 343 3.03 7.81 -17.68
CA MET A 343 1.91 6.88 -17.50
C MET A 343 0.57 7.59 -17.56
N TYR A 344 0.46 8.73 -16.89
CA TYR A 344 -0.75 9.54 -17.02
C TYR A 344 -1.10 9.74 -18.48
N ASP A 345 -0.13 10.25 -19.26
CA ASP A 345 -0.32 10.55 -20.69
C ASP A 345 -0.78 9.32 -21.44
N GLU A 346 -0.09 8.20 -21.23
CA GLU A 346 -0.49 6.95 -21.87
C GLU A 346 -1.87 6.45 -21.47
N GLN A 347 -2.18 6.55 -20.18
CA GLN A 347 -3.47 6.10 -19.66
C GLN A 347 -4.58 6.97 -20.23
N LYS A 348 -4.32 8.27 -20.33
CA LYS A 348 -5.29 9.21 -20.84
C LYS A 348 -5.62 8.93 -22.30
N GLN A 349 -4.59 8.64 -23.10
CA GLN A 349 -4.82 8.25 -24.47
C GLN A 349 -5.71 7.00 -24.53
N TYR A 350 -5.36 5.99 -23.75
CA TYR A 350 -6.13 4.75 -23.65
C TYR A 350 -7.61 4.98 -23.37
N LEU A 351 -7.90 5.76 -22.31
CA LEU A 351 -9.27 6.01 -21.90
C LEU A 351 -10.07 6.70 -23.01
N MET A 352 -9.50 7.77 -23.53
CA MET A 352 -10.15 8.59 -24.52
C MET A 352 -10.33 7.84 -25.83
N SER A 353 -9.54 6.78 -26.02
CA SER A 353 -9.73 5.85 -27.13
C SER A 353 -11.11 5.22 -27.07
N LYS A 354 -11.37 4.43 -26.01
CA LYS A 354 -12.67 3.78 -25.84
C LYS A 354 -13.65 4.68 -25.09
PB ADP B . 7.78 0.61 5.10
O1B ADP B . 6.59 1.52 5.41
O2B ADP B . 8.48 0.93 3.81
O3B ADP B . 8.71 0.35 6.26
PA ADP B . 6.39 -1.87 5.72
O1A ADP B . 5.21 -2.30 4.90
O2A ADP B . 6.13 -1.24 7.07
O3A ADP B . 7.17 -0.83 4.75
O5' ADP B . 7.49 -3.07 5.78
C5' ADP B . 8.57 -3.12 4.83
C4' ADP B . 9.15 -4.53 4.65
O4' ADP B . 9.56 -5.09 5.91
C3' ADP B . 8.16 -5.51 4.03
O3' ADP B . 8.27 -5.60 2.60
C2' ADP B . 8.42 -6.83 4.73
O2' ADP B . 9.37 -7.62 4.03
C1' ADP B . 9.05 -6.42 6.06
N9 ADP B . 8.05 -6.48 7.16
C8 ADP B . 7.22 -5.50 7.53
N7 ADP B . 6.42 -5.87 8.57
C5 ADP B . 6.74 -7.14 8.86
C6 ADP B . 6.30 -8.14 9.87
N6 ADP B . 5.31 -7.82 10.75
N1 ADP B . 6.90 -9.37 9.84
C2 ADP B . 7.87 -9.68 8.94
N3 ADP B . 8.33 -8.82 8.01
C4 ADP B . 7.82 -7.56 7.94
MG MG C . 5.63 -0.79 2.33
CA OPE D . 5.31 4.69 -1.31
CB OPE D . 5.68 3.31 -0.76
O1 OPE D . 6.34 3.96 -4.12
O2 OPE D . 3.87 4.14 -4.96
O3 OPE D . 4.62 2.16 -3.47
O4 OPE D . 4.44 4.56 -2.45
N OPE D . 5.03 3.08 0.53
P OPE D . 4.91 3.74 -3.78
CA OPE E . -1.32 1.95 -18.10
CB OPE E . -1.21 1.89 -16.57
O1 OPE E . -1.28 0.05 -20.76
O2 OPE E . -2.70 2.19 -20.88
O3 OPE E . -3.86 -0.10 -20.35
O4 OPE E . -2.29 1.01 -18.56
N OPE E . -2.37 2.57 -15.97
P OPE E . -2.47 0.74 -20.16
#